data_1OSU
# 
_entry.id   1OSU 
# 
_audit_conform.dict_name       mmcif_pdbx.dic 
_audit_conform.dict_version    5.386 
_audit_conform.dict_location   http://mmcif.pdb.org/dictionaries/ascii/mmcif_pdbx.dic 
# 
loop_
_database_2.database_id 
_database_2.database_code 
_database_2.pdbx_database_accession 
_database_2.pdbx_DOI 
PDB   1OSU         pdb_00001osu 10.2210/pdb1osu/pdb 
RCSB  URF042       ?            ?                   
WWPDB D_1000175508 ?            ?                   
# 
loop_
_pdbx_audit_revision_history.ordinal 
_pdbx_audit_revision_history.data_content_type 
_pdbx_audit_revision_history.major_revision 
_pdbx_audit_revision_history.minor_revision 
_pdbx_audit_revision_history.revision_date 
1 'Structure model' 1 0 1996-04-04 
2 'Structure model' 1 1 2008-05-22 
3 'Structure model' 1 2 2011-07-13 
4 'Structure model' 1 3 2024-02-14 
# 
_pdbx_audit_revision_details.ordinal             1 
_pdbx_audit_revision_details.revision_ordinal    1 
_pdbx_audit_revision_details.data_content_type   'Structure model' 
_pdbx_audit_revision_details.provider            repository 
_pdbx_audit_revision_details.type                'Initial release' 
_pdbx_audit_revision_details.description         ? 
_pdbx_audit_revision_details.details             ? 
# 
loop_
_pdbx_audit_revision_group.ordinal 
_pdbx_audit_revision_group.revision_ordinal 
_pdbx_audit_revision_group.data_content_type 
_pdbx_audit_revision_group.group 
1 2 'Structure model' 'Version format compliance' 
2 3 'Structure model' 'Version format compliance' 
3 4 'Structure model' 'Data collection'           
4 4 'Structure model' 'Database references'       
# 
loop_
_pdbx_audit_revision_category.ordinal 
_pdbx_audit_revision_category.revision_ordinal 
_pdbx_audit_revision_category.data_content_type 
_pdbx_audit_revision_category.category 
1 4 'Structure model' chem_comp_atom 
2 4 'Structure model' chem_comp_bond 
3 4 'Structure model' database_2     
# 
loop_
_pdbx_audit_revision_item.ordinal 
_pdbx_audit_revision_item.revision_ordinal 
_pdbx_audit_revision_item.data_content_type 
_pdbx_audit_revision_item.item 
1 4 'Structure model' '_database_2.pdbx_DOI'                
2 4 'Structure model' '_database_2.pdbx_database_accession' 
# 
_pdbx_database_status.status_code                     REL 
_pdbx_database_status.entry_id                        1OSU 
_pdbx_database_status.recvd_initial_deposition_date   1995-11-08 
_pdbx_database_status.deposit_site                    BNL 
_pdbx_database_status.process_site                    NDB 
_pdbx_database_status.status_code_sf                  REL 
_pdbx_database_status.status_code_mr                  ? 
_pdbx_database_status.SG_entry                        ? 
_pdbx_database_status.pdb_format_compatible           Y 
_pdbx_database_status.status_code_cs                  ? 
_pdbx_database_status.status_code_nmr_data            ? 
_pdbx_database_status.methods_development_category    ? 
# 
loop_
_audit_author.name 
_audit_author.pdbx_ordinal 
'Wahl, M.C.'        1 
'Rao, S.T.'         2 
'Sundaralingam, M.' 3 
# 
loop_
_citation.id 
_citation.title 
_citation.journal_abbrev 
_citation.journal_volume 
_citation.page_first 
_citation.page_last 
_citation.year 
_citation.journal_id_ASTM 
_citation.country 
_citation.journal_id_ISSN 
_citation.journal_id_CSD 
_citation.book_publisher 
_citation.pdbx_database_id_PubMed 
_citation.pdbx_database_id_DOI 
primary 
;The structure of r(UUCGCG) has a 5'-UU-overhang exhibiting Hoogsteen-like trans U.U base pairs.
;
Nat.Struct.Biol. 3 24 31 1996 NSBIEW US 1072-8368 2024 ? 8548450 10.1038/nsb0196-24 
1       'Structure of an RNA Double Helix Including Uracil-Uracil Base Pairs in an Internal Loop'         Nat.Struct.Biol. 2 56 62 
1995 NSBIEW US 1072-8368 2024 ? ?       ?                  
# 
loop_
_citation_author.citation_id 
_citation_author.name 
_citation_author.ordinal 
_citation_author.identifier_ORCID 
primary 'Wahl, M.C.'        1 ? 
primary 'Rao, S.T.'         2 ? 
primary 'Sundaralingam, M.' 3 ? 
1       'Baeyens, K.J.'     4 ? 
1       'DeBondt, H.L.'     5 ? 
1       'Holbrook, S.R.'    6 ? 
# 
loop_
_entity.id 
_entity.type 
_entity.src_method 
_entity.pdbx_description 
_entity.formula_weight 
_entity.pdbx_number_of_molecules 
_entity.pdbx_ec 
_entity.pdbx_mutation 
_entity.pdbx_fragment 
_entity.details 
1 polymer syn 
;RNA (5'-R(*UP*UP*CP*GP*CP*G)-3')
;
1868.149 1  ? ? ? ? 
2 water   nat water                              18.015   38 ? ? ? ? 
# 
_entity_poly.entity_id                      1 
_entity_poly.type                           polyribonucleotide 
_entity_poly.nstd_linkage                   no 
_entity_poly.nstd_monomer                   no 
_entity_poly.pdbx_seq_one_letter_code       UUCGCG 
_entity_poly.pdbx_seq_one_letter_code_can   UUCGCG 
_entity_poly.pdbx_strand_id                 A 
_entity_poly.pdbx_target_identifier         ? 
# 
_pdbx_entity_nonpoly.entity_id   2 
_pdbx_entity_nonpoly.name        water 
_pdbx_entity_nonpoly.comp_id     HOH 
# 
loop_
_entity_poly_seq.entity_id 
_entity_poly_seq.num 
_entity_poly_seq.mon_id 
_entity_poly_seq.hetero 
1 1 U n 
1 2 U n 
1 3 C n 
1 4 G n 
1 5 C n 
1 6 G n 
# 
loop_
_chem_comp.id 
_chem_comp.type 
_chem_comp.mon_nstd_flag 
_chem_comp.name 
_chem_comp.pdbx_synonyms 
_chem_comp.formula 
_chem_comp.formula_weight 
C   'RNA linking' y "CYTIDINE-5'-MONOPHOSPHATE"  ? 'C9 H14 N3 O8 P'  323.197 
G   'RNA linking' y "GUANOSINE-5'-MONOPHOSPHATE" ? 'C10 H14 N5 O8 P' 363.221 
HOH non-polymer   . WATER                        ? 'H2 O'            18.015  
U   'RNA linking' y "URIDINE-5'-MONOPHOSPHATE"   ? 'C9 H13 N2 O9 P'  324.181 
# 
loop_
_pdbx_poly_seq_scheme.asym_id 
_pdbx_poly_seq_scheme.entity_id 
_pdbx_poly_seq_scheme.seq_id 
_pdbx_poly_seq_scheme.mon_id 
_pdbx_poly_seq_scheme.ndb_seq_num 
_pdbx_poly_seq_scheme.pdb_seq_num 
_pdbx_poly_seq_scheme.auth_seq_num 
_pdbx_poly_seq_scheme.pdb_mon_id 
_pdbx_poly_seq_scheme.auth_mon_id 
_pdbx_poly_seq_scheme.pdb_strand_id 
_pdbx_poly_seq_scheme.pdb_ins_code 
_pdbx_poly_seq_scheme.hetero 
A 1 1 U 1 1 1 U U A . n 
A 1 2 U 2 2 2 U U A . n 
A 1 3 C 3 3 3 C C A . n 
A 1 4 G 4 4 4 G G A . n 
A 1 5 C 5 5 5 C C A . n 
A 1 6 G 6 6 6 G G A . n 
# 
loop_
_pdbx_nonpoly_scheme.asym_id 
_pdbx_nonpoly_scheme.entity_id 
_pdbx_nonpoly_scheme.mon_id 
_pdbx_nonpoly_scheme.ndb_seq_num 
_pdbx_nonpoly_scheme.pdb_seq_num 
_pdbx_nonpoly_scheme.auth_seq_num 
_pdbx_nonpoly_scheme.pdb_mon_id 
_pdbx_nonpoly_scheme.auth_mon_id 
_pdbx_nonpoly_scheme.pdb_strand_id 
_pdbx_nonpoly_scheme.pdb_ins_code 
B 2 HOH 1  7  7  HOH HOH A . 
B 2 HOH 2  8  8  HOH HOH A . 
B 2 HOH 3  9  9  HOH HOH A . 
B 2 HOH 4  10 10 HOH HOH A . 
B 2 HOH 5  11 11 HOH HOH A . 
B 2 HOH 6  12 12 HOH HOH A . 
B 2 HOH 7  13 13 HOH HOH A . 
B 2 HOH 8  14 14 HOH HOH A . 
B 2 HOH 9  15 15 HOH HOH A . 
B 2 HOH 10 16 16 HOH HOH A . 
B 2 HOH 11 17 17 HOH HOH A . 
B 2 HOH 12 18 18 HOH HOH A . 
B 2 HOH 13 19 19 HOH HOH A . 
B 2 HOH 14 20 20 HOH HOH A . 
B 2 HOH 15 21 21 HOH HOH A . 
B 2 HOH 16 22 22 HOH HOH A . 
B 2 HOH 17 23 23 HOH HOH A . 
B 2 HOH 18 24 24 HOH HOH A . 
B 2 HOH 19 25 25 HOH HOH A . 
B 2 HOH 20 26 26 HOH HOH A . 
B 2 HOH 21 27 27 HOH HOH A . 
B 2 HOH 22 28 28 HOH HOH A . 
B 2 HOH 23 29 29 HOH HOH A . 
B 2 HOH 24 30 30 HOH HOH A . 
B 2 HOH 25 31 31 HOH HOH A . 
B 2 HOH 26 32 32 HOH HOH A . 
B 2 HOH 27 33 33 HOH HOH A . 
B 2 HOH 28 34 34 HOH HOH A . 
B 2 HOH 29 35 35 HOH HOH A . 
B 2 HOH 30 36 36 HOH HOH A . 
B 2 HOH 31 37 37 HOH HOH A . 
B 2 HOH 32 38 38 HOH HOH A . 
B 2 HOH 33 39 39 HOH HOH A . 
B 2 HOH 34 40 40 HOH HOH A . 
B 2 HOH 35 41 41 HOH HOH A . 
B 2 HOH 36 42 42 HOH HOH A . 
B 2 HOH 37 43 43 HOH HOH A . 
B 2 HOH 38 44 44 HOH HOH A . 
# 
_software.name             X-PLOR 
_software.classification   refinement 
_software.version          . 
_software.citation_id      ? 
_software.pdbx_ordinal     1 
# 
_cell.entry_id           1OSU 
_cell.length_a           30.600 
_cell.length_b           34.000 
_cell.length_c           29.200 
_cell.angle_alpha        90.00 
_cell.angle_beta         90.00 
_cell.angle_gamma        90.00 
_cell.Z_PDB              8 
_cell.pdbx_unique_axis   ? 
# 
_symmetry.entry_id                         1OSU 
_symmetry.space_group_name_H-M             'C 2 2 21' 
_symmetry.pdbx_full_space_group_name_H-M   ? 
_symmetry.cell_setting                     ? 
_symmetry.Int_Tables_number                20 
# 
_exptl.entry_id          1OSU 
_exptl.method            'X-RAY DIFFRACTION' 
_exptl.crystals_number   ? 
# 
_exptl_crystal.id                    1 
_exptl_crystal.density_meas          ? 
_exptl_crystal.density_percent_sol   39.49 
_exptl_crystal.density_Matthews      2.03 
_exptl_crystal.description           ? 
# 
_exptl_crystal_grow.crystal_id      1 
_exptl_crystal_grow.method          'VAPOR DIFFUSION, HANGING DROP' 
_exptl_crystal_grow.temp            277.00 
_exptl_crystal_grow.temp_details    ? 
_exptl_crystal_grow.pH              7.00 
_exptl_crystal_grow.pdbx_details    'pH 7.00, VAPOR DIFFUSION, HANGING DROP, temperature 277.00K' 
_exptl_crystal_grow.pdbx_pH_range   ? 
# 
loop_
_exptl_crystal_grow_comp.crystal_id 
_exptl_crystal_grow_comp.id 
_exptl_crystal_grow_comp.sol_id 
_exptl_crystal_grow_comp.name 
_exptl_crystal_grow_comp.volume 
_exptl_crystal_grow_comp.conc 
_exptl_crystal_grow_comp.details 
1 1 1 WATER       ? ? ? 
1 2 1 ISOPROPANOL ? ? ? 
1 3 1 MG2+        ? ? ? 
1 4 1 SPERMINE    ? ? ? 
# 
_diffrn.id                     1 
_diffrn.ambient_temp           277.00 
_diffrn.ambient_temp_details   ? 
_diffrn.crystal_id             1 
# 
_diffrn_detector.diffrn_id              1 
_diffrn_detector.detector               'AREA DETECTOR' 
_diffrn_detector.type                   SIEMENS 
_diffrn_detector.pdbx_collection_date   ? 
_diffrn_detector.details                ? 
# 
_diffrn_radiation.diffrn_id                        1 
_diffrn_radiation.wavelength_id                    1 
_diffrn_radiation.pdbx_monochromatic_or_laue_m_l   M 
_diffrn_radiation.monochromator                    ? 
_diffrn_radiation.pdbx_diffrn_protocol             'SINGLE WAVELENGTH' 
_diffrn_radiation.pdbx_scattering_type             x-ray 
# 
_diffrn_radiation_wavelength.id           1 
_diffrn_radiation_wavelength.wavelength   . 
_diffrn_radiation_wavelength.wt           1.0 
# 
_diffrn_source.diffrn_id                   1 
_diffrn_source.source                      'ROTATING ANODE' 
_diffrn_source.type                        MACSCIENCE 
_diffrn_source.pdbx_synchrotron_site       ? 
_diffrn_source.pdbx_synchrotron_beamline   ? 
_diffrn_source.pdbx_wavelength             ? 
_diffrn_source.pdbx_wavelength_list        ? 
# 
_reflns.entry_id                     1OSU 
_reflns.observed_criterion_sigma_I   ? 
_reflns.observed_criterion_sigma_F   2.000 
_reflns.d_resolution_low             8.000 
_reflns.d_resolution_high            1.400 
_reflns.number_obs                   2991 
_reflns.number_all                   ? 
_reflns.percent_possible_obs         ? 
_reflns.pdbx_Rmerge_I_obs            ? 
_reflns.pdbx_Rsym_value              ? 
_reflns.pdbx_netI_over_sigmaI        ? 
_reflns.B_iso_Wilson_estimate        ? 
_reflns.pdbx_redundancy              ? 
_reflns.R_free_details               ? 
_reflns.pdbx_diffrn_id               1 
_reflns.pdbx_ordinal                 1 
# 
_refine.entry_id                                 1OSU 
_refine.ls_number_reflns_obs                     2991 
_refine.ls_number_reflns_all                     ? 
_refine.pdbx_ls_sigma_I                          ? 
_refine.pdbx_ls_sigma_F                          2.000 
_refine.pdbx_data_cutoff_high_absF               ? 
_refine.pdbx_data_cutoff_low_absF                ? 
_refine.pdbx_data_cutoff_high_rms_absF           ? 
_refine.ls_d_res_low                             8.000 
_refine.ls_d_res_high                            1.400 
_refine.ls_percent_reflns_obs                    86.400 
_refine.ls_R_factor_obs                          0.1610000 
_refine.ls_R_factor_all                          ? 
_refine.ls_R_factor_R_work                       0.1610000 
_refine.ls_R_factor_R_free                       ? 
_refine.ls_R_factor_R_free_error                 ? 
_refine.ls_R_factor_R_free_error_details         ? 
_refine.ls_percent_reflns_R_free                 ? 
_refine.ls_number_reflns_R_free                  ? 
_refine.ls_number_parameters                     ? 
_refine.ls_number_restraints                     ? 
_refine.occupancy_min                            ? 
_refine.occupancy_max                            ? 
_refine.B_iso_mean                               ? 
_refine.aniso_B[1][1]                            ? 
_refine.aniso_B[2][2]                            ? 
_refine.aniso_B[3][3]                            ? 
_refine.aniso_B[1][2]                            ? 
_refine.aniso_B[1][3]                            ? 
_refine.aniso_B[2][3]                            ? 
_refine.solvent_model_details                    ? 
_refine.solvent_model_param_ksol                 ? 
_refine.solvent_model_param_bsol                 ? 
_refine.pdbx_ls_cross_valid_method               ? 
_refine.details                                  ? 
_refine.pdbx_starting_model                      ? 
_refine.pdbx_method_to_determine_struct          ? 
_refine.pdbx_isotropic_thermal_model             ? 
_refine.pdbx_stereochemistry_target_values       ? 
_refine.pdbx_stereochem_target_val_spec_case     ? 
_refine.pdbx_R_Free_selection_details            ? 
_refine.pdbx_overall_ESU_R                       ? 
_refine.pdbx_overall_ESU_R_Free                  ? 
_refine.overall_SU_ML                            ? 
_refine.overall_SU_B                             ? 
_refine.ls_redundancy_reflns_obs                 ? 
_refine.correlation_coeff_Fo_to_Fc               ? 
_refine.correlation_coeff_Fo_to_Fc_free          ? 
_refine.overall_SU_R_Cruickshank_DPI             ? 
_refine.overall_SU_R_free                        ? 
_refine.pdbx_refine_id                           'X-RAY DIFFRACTION' 
_refine.pdbx_diffrn_id                           1 
_refine.pdbx_TLS_residual_ADP_flag               ? 
_refine.pdbx_solvent_vdw_probe_radii             ? 
_refine.pdbx_solvent_ion_probe_radii             ? 
_refine.pdbx_solvent_shrinkage_radii             ? 
_refine.pdbx_overall_phase_error                 ? 
_refine.pdbx_overall_SU_R_free_Cruickshank_DPI   ? 
_refine.pdbx_overall_SU_R_Blow_DPI               ? 
_refine.pdbx_overall_SU_R_free_Blow_DPI          ? 
# 
_refine_hist.pdbx_refine_id                   'X-RAY DIFFRACTION' 
_refine_hist.cycle_id                         LAST 
_refine_hist.pdbx_number_atoms_protein        0 
_refine_hist.pdbx_number_atoms_nucleic_acid   123 
_refine_hist.pdbx_number_atoms_ligand         0 
_refine_hist.number_atoms_solvent             38 
_refine_hist.number_atoms_total               161 
_refine_hist.d_res_high                       1.400 
_refine_hist.d_res_low                        8.000 
# 
loop_
_refine_ls_restr.type 
_refine_ls_restr.dev_ideal 
_refine_ls_restr.dev_ideal_target 
_refine_ls_restr.weight 
_refine_ls_restr.number 
_refine_ls_restr.pdbx_refine_id 
_refine_ls_restr.pdbx_restraint_function 
x_bond_d                0.012 ? ? ? 'X-RAY DIFFRACTION' ? 
x_bond_d_na             ?     ? ? ? 'X-RAY DIFFRACTION' ? 
x_bond_d_prot           ?     ? ? ? 'X-RAY DIFFRACTION' ? 
x_angle_d               ?     ? ? ? 'X-RAY DIFFRACTION' ? 
x_angle_d_na            ?     ? ? ? 'X-RAY DIFFRACTION' ? 
x_angle_d_prot          ?     ? ? ? 'X-RAY DIFFRACTION' ? 
x_angle_deg             1.70  ? ? ? 'X-RAY DIFFRACTION' ? 
x_angle_deg_na          ?     ? ? ? 'X-RAY DIFFRACTION' ? 
x_angle_deg_prot        ?     ? ? ? 'X-RAY DIFFRACTION' ? 
x_dihedral_angle_d      ?     ? ? ? 'X-RAY DIFFRACTION' ? 
x_dihedral_angle_d_na   ?     ? ? ? 'X-RAY DIFFRACTION' ? 
x_dihedral_angle_d_prot ?     ? ? ? 'X-RAY DIFFRACTION' ? 
x_improper_angle_d      ?     ? ? ? 'X-RAY DIFFRACTION' ? 
x_improper_angle_d_na   ?     ? ? ? 'X-RAY DIFFRACTION' ? 
x_improper_angle_d_prot ?     ? ? ? 'X-RAY DIFFRACTION' ? 
x_mcbond_it             ?     ? ? ? 'X-RAY DIFFRACTION' ? 
x_mcangle_it            ?     ? ? ? 'X-RAY DIFFRACTION' ? 
x_scbond_it             ?     ? ? ? 'X-RAY DIFFRACTION' ? 
x_scangle_it            ?     ? ? ? 'X-RAY DIFFRACTION' ? 
# 
_struct.entry_id                  1OSU 
_struct.title                     
;STRUCTURE OF THE RNA HEXAMER, R(UUCGCG), WITH A 5'-UU-OVERHANG EXHIBITING HOOGSTEEN-LIKE TRANS U-U BASE PAIRS
;
_struct.pdbx_model_details        ? 
_struct.pdbx_CASP_flag            ? 
_struct.pdbx_model_type_details   ? 
# 
_struct_keywords.entry_id        1OSU 
_struct_keywords.pdbx_keywords   RNA 
_struct_keywords.text            
;A-RNA, DOUBLE HELIX, NICKED, 5'-UU-OVERHANG, MISMATCHED, RNA
;
# 
loop_
_struct_asym.id 
_struct_asym.pdbx_blank_PDB_chainid_flag 
_struct_asym.pdbx_modified 
_struct_asym.entity_id 
_struct_asym.details 
A N N 1 ? 
B N N 2 ? 
# 
_struct_ref.id                         1 
_struct_ref.entity_id                  1 
_struct_ref.db_name                    PDB 
_struct_ref.db_code                    1OSU 
_struct_ref.pdbx_db_accession          1OSU 
_struct_ref.pdbx_db_isoform            ? 
_struct_ref.pdbx_seq_one_letter_code   ? 
_struct_ref.pdbx_align_begin           ? 
# 
_struct_ref_seq.align_id                      1 
_struct_ref_seq.ref_id                        1 
_struct_ref_seq.pdbx_PDB_id_code              1OSU 
_struct_ref_seq.pdbx_strand_id                A 
_struct_ref_seq.seq_align_beg                 1 
_struct_ref_seq.pdbx_seq_align_beg_ins_code   ? 
_struct_ref_seq.seq_align_end                 6 
_struct_ref_seq.pdbx_seq_align_end_ins_code   ? 
_struct_ref_seq.pdbx_db_accession             1OSU 
_struct_ref_seq.db_align_beg                  1 
_struct_ref_seq.pdbx_db_align_beg_ins_code    ? 
_struct_ref_seq.db_align_end                  6 
_struct_ref_seq.pdbx_db_align_end_ins_code    ? 
_struct_ref_seq.pdbx_auth_seq_align_beg       1 
_struct_ref_seq.pdbx_auth_seq_align_end       6 
# 
_pdbx_struct_assembly.id                   1 
_pdbx_struct_assembly.details              author_defined_assembly 
_pdbx_struct_assembly.method_details       ? 
_pdbx_struct_assembly.oligomeric_details   trimeric 
_pdbx_struct_assembly.oligomeric_count     3 
# 
_pdbx_struct_assembly_gen.assembly_id       1 
_pdbx_struct_assembly_gen.oper_expression   1,2,3 
_pdbx_struct_assembly_gen.asym_id_list      A,B 
# 
loop_
_pdbx_struct_oper_list.id 
_pdbx_struct_oper_list.type 
_pdbx_struct_oper_list.name 
_pdbx_struct_oper_list.symmetry_operation 
_pdbx_struct_oper_list.matrix[1][1] 
_pdbx_struct_oper_list.matrix[1][2] 
_pdbx_struct_oper_list.matrix[1][3] 
_pdbx_struct_oper_list.vector[1] 
_pdbx_struct_oper_list.matrix[2][1] 
_pdbx_struct_oper_list.matrix[2][2] 
_pdbx_struct_oper_list.matrix[2][3] 
_pdbx_struct_oper_list.vector[2] 
_pdbx_struct_oper_list.matrix[3][1] 
_pdbx_struct_oper_list.matrix[3][2] 
_pdbx_struct_oper_list.matrix[3][3] 
_pdbx_struct_oper_list.vector[3] 
1 'identity operation'         1_555 x,y,z         1.0000000000  0.0000000000  0.0000000000  0.0000000000   0.0000000000  1.0000000000  0.0000000000  0.0000000000  0.0000000000  0.0000000000  1.0000000000  0.0000000000  
2 'crystal symmetry operation' 2_455 -x-1,-y,z+1/2 -0.9367251219 -0.1497028145 -0.3164413269 -12.0875193976 -0.1497028145 -0.6458162650 0.7486724378  4.9115765195  -0.3164413269 0.7486724378  0.5825413869  11.6725158609 
3 'crystal symmetry operation' 4_556 x,-y,-z+1     0.2162934795  0.9539002113  -0.2080661377 -5.9978735030  0.9539002113  -0.2518864662 -0.1631796405 10.1067502515 -0.2080661377 -0.1631796405 -0.9644070133 11.2736113335 
# 
_struct_biol.id                    1 
_struct_biol.pdbx_parent_biol_id   ? 
_struct_biol.details               ? 
# 
loop_
_struct_conn.id 
_struct_conn.conn_type_id 
_struct_conn.pdbx_leaving_atom_flag 
_struct_conn.pdbx_PDB_id 
_struct_conn.ptnr1_label_asym_id 
_struct_conn.ptnr1_label_comp_id 
_struct_conn.ptnr1_label_seq_id 
_struct_conn.ptnr1_label_atom_id 
_struct_conn.pdbx_ptnr1_label_alt_id 
_struct_conn.pdbx_ptnr1_PDB_ins_code 
_struct_conn.pdbx_ptnr1_standard_comp_id 
_struct_conn.ptnr1_symmetry 
_struct_conn.ptnr2_label_asym_id 
_struct_conn.ptnr2_label_comp_id 
_struct_conn.ptnr2_label_seq_id 
_struct_conn.ptnr2_label_atom_id 
_struct_conn.pdbx_ptnr2_label_alt_id 
_struct_conn.pdbx_ptnr2_PDB_ins_code 
_struct_conn.ptnr1_auth_asym_id 
_struct_conn.ptnr1_auth_comp_id 
_struct_conn.ptnr1_auth_seq_id 
_struct_conn.ptnr2_auth_asym_id 
_struct_conn.ptnr2_auth_comp_id 
_struct_conn.ptnr2_auth_seq_id 
_struct_conn.ptnr2_symmetry 
_struct_conn.pdbx_ptnr3_label_atom_id 
_struct_conn.pdbx_ptnr3_label_seq_id 
_struct_conn.pdbx_ptnr3_label_comp_id 
_struct_conn.pdbx_ptnr3_label_asym_id 
_struct_conn.pdbx_ptnr3_label_alt_id 
_struct_conn.pdbx_ptnr3_PDB_ins_code 
_struct_conn.details 
_struct_conn.pdbx_dist_value 
_struct_conn.pdbx_value_order 
_struct_conn.pdbx_role 
hydrog1  hydrog ? ? A C 3 N3 ? ? ? 1_555 A G 6 N1 ? ? A C 3 A G 6 3_455 ? ? ? ? ? ? WATSON-CRICK ? ? ? 
hydrog2  hydrog ? ? A C 3 N4 ? ? ? 1_555 A G 6 O6 ? ? A C 3 A G 6 3_455 ? ? ? ? ? ? WATSON-CRICK ? ? ? 
hydrog3  hydrog ? ? A C 3 O2 ? ? ? 1_555 A G 6 N2 ? ? A C 3 A G 6 3_455 ? ? ? ? ? ? WATSON-CRICK ? ? ? 
hydrog4  hydrog ? ? A G 4 N1 ? ? ? 1_555 A C 5 N3 ? ? A G 4 A C 5 3_455 ? ? ? ? ? ? WATSON-CRICK ? ? ? 
hydrog5  hydrog ? ? A G 4 N2 ? ? ? 1_555 A C 5 O2 ? ? A G 4 A C 5 3_455 ? ? ? ? ? ? WATSON-CRICK ? ? ? 
hydrog6  hydrog ? ? A G 4 O6 ? ? ? 1_555 A C 5 N4 ? ? A G 4 A C 5 3_455 ? ? ? ? ? ? WATSON-CRICK ? ? ? 
hydrog7  hydrog ? ? A C 5 N3 ? ? ? 1_555 A G 4 N1 ? ? A C 5 A G 4 3_455 ? ? ? ? ? ? WATSON-CRICK ? ? ? 
hydrog8  hydrog ? ? A C 5 N4 ? ? ? 1_555 A G 4 O6 ? ? A C 5 A G 4 3_455 ? ? ? ? ? ? WATSON-CRICK ? ? ? 
hydrog9  hydrog ? ? A C 5 O2 ? ? ? 1_555 A G 4 N2 ? ? A C 5 A G 4 3_455 ? ? ? ? ? ? WATSON-CRICK ? ? ? 
hydrog10 hydrog ? ? A G 6 N1 ? ? ? 1_555 A C 3 N3 ? ? A G 6 A C 3 3_455 ? ? ? ? ? ? WATSON-CRICK ? ? ? 
hydrog11 hydrog ? ? A G 6 N2 ? ? ? 1_555 A C 3 O2 ? ? A G 6 A C 3 3_455 ? ? ? ? ? ? WATSON-CRICK ? ? ? 
hydrog12 hydrog ? ? A G 6 O6 ? ? ? 1_555 A C 3 N4 ? ? A G 6 A C 3 3_455 ? ? ? ? ? ? WATSON-CRICK ? ? ? 
# 
_struct_conn_type.id          hydrog 
_struct_conn_type.criteria    ? 
_struct_conn_type.reference   ? 
# 
loop_
_pdbx_struct_special_symmetry.id 
_pdbx_struct_special_symmetry.PDB_model_num 
_pdbx_struct_special_symmetry.auth_asym_id 
_pdbx_struct_special_symmetry.auth_comp_id 
_pdbx_struct_special_symmetry.auth_seq_id 
_pdbx_struct_special_symmetry.PDB_ins_code 
_pdbx_struct_special_symmetry.label_asym_id 
_pdbx_struct_special_symmetry.label_comp_id 
_pdbx_struct_special_symmetry.label_seq_id 
1 1 A HOH 41 ? B HOH . 
2 1 A HOH 42 ? B HOH . 
3 1 A HOH 43 ? B HOH . 
4 1 A HOH 44 ? B HOH . 
# 
loop_
_refine_B_iso.class 
_refine_B_iso.details 
_refine_B_iso.treatment 
_refine_B_iso.pdbx_refine_id 
'ALL ATOMS'  TR isotropic 'X-RAY DIFFRACTION' 
'ALL WATERS' TR isotropic 'X-RAY DIFFRACTION' 
# 
loop_
_refine_occupancy.class 
_refine_occupancy.treatment 
_refine_occupancy.pdbx_refine_id 
'ALL ATOMS'  fix 'X-RAY DIFFRACTION' 
'ALL WATERS' ref 'X-RAY DIFFRACTION' 
# 
loop_
_chem_comp_atom.comp_id 
_chem_comp_atom.atom_id 
_chem_comp_atom.type_symbol 
_chem_comp_atom.pdbx_aromatic_flag 
_chem_comp_atom.pdbx_stereo_config 
_chem_comp_atom.pdbx_ordinal 
C   OP3    O N N 1   
C   P      P N N 2   
C   OP1    O N N 3   
C   OP2    O N N 4   
C   "O5'"  O N N 5   
C   "C5'"  C N N 6   
C   "C4'"  C N R 7   
C   "O4'"  O N N 8   
C   "C3'"  C N S 9   
C   "O3'"  O N N 10  
C   "C2'"  C N R 11  
C   "O2'"  O N N 12  
C   "C1'"  C N R 13  
C   N1     N N N 14  
C   C2     C N N 15  
C   O2     O N N 16  
C   N3     N N N 17  
C   C4     C N N 18  
C   N4     N N N 19  
C   C5     C N N 20  
C   C6     C N N 21  
C   HOP3   H N N 22  
C   HOP2   H N N 23  
C   "H5'"  H N N 24  
C   "H5''" H N N 25  
C   "H4'"  H N N 26  
C   "H3'"  H N N 27  
C   "HO3'" H N N 28  
C   "H2'"  H N N 29  
C   "HO2'" H N N 30  
C   "H1'"  H N N 31  
C   H41    H N N 32  
C   H42    H N N 33  
C   H5     H N N 34  
C   H6     H N N 35  
G   OP3    O N N 36  
G   P      P N N 37  
G   OP1    O N N 38  
G   OP2    O N N 39  
G   "O5'"  O N N 40  
G   "C5'"  C N N 41  
G   "C4'"  C N R 42  
G   "O4'"  O N N 43  
G   "C3'"  C N S 44  
G   "O3'"  O N N 45  
G   "C2'"  C N R 46  
G   "O2'"  O N N 47  
G   "C1'"  C N R 48  
G   N9     N Y N 49  
G   C8     C Y N 50  
G   N7     N Y N 51  
G   C5     C Y N 52  
G   C6     C N N 53  
G   O6     O N N 54  
G   N1     N N N 55  
G   C2     C N N 56  
G   N2     N N N 57  
G   N3     N N N 58  
G   C4     C Y N 59  
G   HOP3   H N N 60  
G   HOP2   H N N 61  
G   "H5'"  H N N 62  
G   "H5''" H N N 63  
G   "H4'"  H N N 64  
G   "H3'"  H N N 65  
G   "HO3'" H N N 66  
G   "H2'"  H N N 67  
G   "HO2'" H N N 68  
G   "H1'"  H N N 69  
G   H8     H N N 70  
G   H1     H N N 71  
G   H21    H N N 72  
G   H22    H N N 73  
HOH O      O N N 74  
HOH H1     H N N 75  
HOH H2     H N N 76  
U   OP3    O N N 77  
U   P      P N N 78  
U   OP1    O N N 79  
U   OP2    O N N 80  
U   "O5'"  O N N 81  
U   "C5'"  C N N 82  
U   "C4'"  C N R 83  
U   "O4'"  O N N 84  
U   "C3'"  C N S 85  
U   "O3'"  O N N 86  
U   "C2'"  C N R 87  
U   "O2'"  O N N 88  
U   "C1'"  C N R 89  
U   N1     N N N 90  
U   C2     C N N 91  
U   O2     O N N 92  
U   N3     N N N 93  
U   C4     C N N 94  
U   O4     O N N 95  
U   C5     C N N 96  
U   C6     C N N 97  
U   HOP3   H N N 98  
U   HOP2   H N N 99  
U   "H5'"  H N N 100 
U   "H5''" H N N 101 
U   "H4'"  H N N 102 
U   "H3'"  H N N 103 
U   "HO3'" H N N 104 
U   "H2'"  H N N 105 
U   "HO2'" H N N 106 
U   "H1'"  H N N 107 
U   H3     H N N 108 
U   H5     H N N 109 
U   H6     H N N 110 
# 
loop_
_chem_comp_bond.comp_id 
_chem_comp_bond.atom_id_1 
_chem_comp_bond.atom_id_2 
_chem_comp_bond.value_order 
_chem_comp_bond.pdbx_aromatic_flag 
_chem_comp_bond.pdbx_stereo_config 
_chem_comp_bond.pdbx_ordinal 
C   OP3   P      sing N N 1   
C   OP3   HOP3   sing N N 2   
C   P     OP1    doub N N 3   
C   P     OP2    sing N N 4   
C   P     "O5'"  sing N N 5   
C   OP2   HOP2   sing N N 6   
C   "O5'" "C5'"  sing N N 7   
C   "C5'" "C4'"  sing N N 8   
C   "C5'" "H5'"  sing N N 9   
C   "C5'" "H5''" sing N N 10  
C   "C4'" "O4'"  sing N N 11  
C   "C4'" "C3'"  sing N N 12  
C   "C4'" "H4'"  sing N N 13  
C   "O4'" "C1'"  sing N N 14  
C   "C3'" "O3'"  sing N N 15  
C   "C3'" "C2'"  sing N N 16  
C   "C3'" "H3'"  sing N N 17  
C   "O3'" "HO3'" sing N N 18  
C   "C2'" "O2'"  sing N N 19  
C   "C2'" "C1'"  sing N N 20  
C   "C2'" "H2'"  sing N N 21  
C   "O2'" "HO2'" sing N N 22  
C   "C1'" N1     sing N N 23  
C   "C1'" "H1'"  sing N N 24  
C   N1    C2     sing N N 25  
C   N1    C6     sing N N 26  
C   C2    O2     doub N N 27  
C   C2    N3     sing N N 28  
C   N3    C4     doub N N 29  
C   C4    N4     sing N N 30  
C   C4    C5     sing N N 31  
C   N4    H41    sing N N 32  
C   N4    H42    sing N N 33  
C   C5    C6     doub N N 34  
C   C5    H5     sing N N 35  
C   C6    H6     sing N N 36  
G   OP3   P      sing N N 37  
G   OP3   HOP3   sing N N 38  
G   P     OP1    doub N N 39  
G   P     OP2    sing N N 40  
G   P     "O5'"  sing N N 41  
G   OP2   HOP2   sing N N 42  
G   "O5'" "C5'"  sing N N 43  
G   "C5'" "C4'"  sing N N 44  
G   "C5'" "H5'"  sing N N 45  
G   "C5'" "H5''" sing N N 46  
G   "C4'" "O4'"  sing N N 47  
G   "C4'" "C3'"  sing N N 48  
G   "C4'" "H4'"  sing N N 49  
G   "O4'" "C1'"  sing N N 50  
G   "C3'" "O3'"  sing N N 51  
G   "C3'" "C2'"  sing N N 52  
G   "C3'" "H3'"  sing N N 53  
G   "O3'" "HO3'" sing N N 54  
G   "C2'" "O2'"  sing N N 55  
G   "C2'" "C1'"  sing N N 56  
G   "C2'" "H2'"  sing N N 57  
G   "O2'" "HO2'" sing N N 58  
G   "C1'" N9     sing N N 59  
G   "C1'" "H1'"  sing N N 60  
G   N9    C8     sing Y N 61  
G   N9    C4     sing Y N 62  
G   C8    N7     doub Y N 63  
G   C8    H8     sing N N 64  
G   N7    C5     sing Y N 65  
G   C5    C6     sing N N 66  
G   C5    C4     doub Y N 67  
G   C6    O6     doub N N 68  
G   C6    N1     sing N N 69  
G   N1    C2     sing N N 70  
G   N1    H1     sing N N 71  
G   C2    N2     sing N N 72  
G   C2    N3     doub N N 73  
G   N2    H21    sing N N 74  
G   N2    H22    sing N N 75  
G   N3    C4     sing N N 76  
HOH O     H1     sing N N 77  
HOH O     H2     sing N N 78  
U   OP3   P      sing N N 79  
U   OP3   HOP3   sing N N 80  
U   P     OP1    doub N N 81  
U   P     OP2    sing N N 82  
U   P     "O5'"  sing N N 83  
U   OP2   HOP2   sing N N 84  
U   "O5'" "C5'"  sing N N 85  
U   "C5'" "C4'"  sing N N 86  
U   "C5'" "H5'"  sing N N 87  
U   "C5'" "H5''" sing N N 88  
U   "C4'" "O4'"  sing N N 89  
U   "C4'" "C3'"  sing N N 90  
U   "C4'" "H4'"  sing N N 91  
U   "O4'" "C1'"  sing N N 92  
U   "C3'" "O3'"  sing N N 93  
U   "C3'" "C2'"  sing N N 94  
U   "C3'" "H3'"  sing N N 95  
U   "O3'" "HO3'" sing N N 96  
U   "C2'" "O2'"  sing N N 97  
U   "C2'" "C1'"  sing N N 98  
U   "C2'" "H2'"  sing N N 99  
U   "O2'" "HO2'" sing N N 100 
U   "C1'" N1     sing N N 101 
U   "C1'" "H1'"  sing N N 102 
U   N1    C2     sing N N 103 
U   N1    C6     sing N N 104 
U   C2    O2     doub N N 105 
U   C2    N3     sing N N 106 
U   N3    C4     sing N N 107 
U   N3    H3     sing N N 108 
U   C4    O4     doub N N 109 
U   C4    C5     sing N N 110 
U   C5    C6     doub N N 111 
U   C5    H5     sing N N 112 
U   C6    H6     sing N N 113 
# 
_ndb_struct_conf_na.entry_id   1OSU 
_ndb_struct_conf_na.feature    'a-form double helix' 
# 
loop_
_ndb_struct_na_base_pair.model_number 
_ndb_struct_na_base_pair.i_label_asym_id 
_ndb_struct_na_base_pair.i_label_comp_id 
_ndb_struct_na_base_pair.i_label_seq_id 
_ndb_struct_na_base_pair.i_symmetry 
_ndb_struct_na_base_pair.j_label_asym_id 
_ndb_struct_na_base_pair.j_label_comp_id 
_ndb_struct_na_base_pair.j_label_seq_id 
_ndb_struct_na_base_pair.j_symmetry 
_ndb_struct_na_base_pair.shear 
_ndb_struct_na_base_pair.stretch 
_ndb_struct_na_base_pair.stagger 
_ndb_struct_na_base_pair.buckle 
_ndb_struct_na_base_pair.propeller 
_ndb_struct_na_base_pair.opening 
_ndb_struct_na_base_pair.pair_number 
_ndb_struct_na_base_pair.pair_name 
_ndb_struct_na_base_pair.i_auth_asym_id 
_ndb_struct_na_base_pair.i_auth_seq_id 
_ndb_struct_na_base_pair.i_PDB_ins_code 
_ndb_struct_na_base_pair.j_auth_asym_id 
_ndb_struct_na_base_pair.j_auth_seq_id 
_ndb_struct_na_base_pair.j_PDB_ins_code 
_ndb_struct_na_base_pair.hbond_type_28 
_ndb_struct_na_base_pair.hbond_type_12 
1 A C 3 1_555 A G 6 3_455 0.107  -0.183 -0.086 6.334  -17.141 -1.846 1 A_C3:G6_A A 3 ? A 6 ? 19 1 
1 A G 4 1_555 A C 5 3_455 -0.236 -0.104 -0.107 -3.214 -17.233 -0.084 2 A_G4:C5_A A 4 ? A 5 ? 19 1 
1 A C 5 1_555 A G 4 3_455 0.236  -0.104 -0.107 3.214  -17.233 -0.084 3 A_C5:G4_A A 5 ? A 4 ? 19 1 
1 A G 6 1_555 A C 3 3_455 -0.107 -0.183 -0.086 -6.334 -17.141 -1.846 4 A_G6:C3_A A 6 ? A 3 ? 19 1 
# 
loop_
_ndb_struct_na_base_pair_step.model_number 
_ndb_struct_na_base_pair_step.i_label_asym_id_1 
_ndb_struct_na_base_pair_step.i_label_comp_id_1 
_ndb_struct_na_base_pair_step.i_label_seq_id_1 
_ndb_struct_na_base_pair_step.i_symmetry_1 
_ndb_struct_na_base_pair_step.j_label_asym_id_1 
_ndb_struct_na_base_pair_step.j_label_comp_id_1 
_ndb_struct_na_base_pair_step.j_label_seq_id_1 
_ndb_struct_na_base_pair_step.j_symmetry_1 
_ndb_struct_na_base_pair_step.i_label_asym_id_2 
_ndb_struct_na_base_pair_step.i_label_comp_id_2 
_ndb_struct_na_base_pair_step.i_label_seq_id_2 
_ndb_struct_na_base_pair_step.i_symmetry_2 
_ndb_struct_na_base_pair_step.j_label_asym_id_2 
_ndb_struct_na_base_pair_step.j_label_comp_id_2 
_ndb_struct_na_base_pair_step.j_label_seq_id_2 
_ndb_struct_na_base_pair_step.j_symmetry_2 
_ndb_struct_na_base_pair_step.shift 
_ndb_struct_na_base_pair_step.slide 
_ndb_struct_na_base_pair_step.rise 
_ndb_struct_na_base_pair_step.tilt 
_ndb_struct_na_base_pair_step.roll 
_ndb_struct_na_base_pair_step.twist 
_ndb_struct_na_base_pair_step.x_displacement 
_ndb_struct_na_base_pair_step.y_displacement 
_ndb_struct_na_base_pair_step.helical_rise 
_ndb_struct_na_base_pair_step.inclination 
_ndb_struct_na_base_pair_step.tip 
_ndb_struct_na_base_pair_step.helical_twist 
_ndb_struct_na_base_pair_step.step_number 
_ndb_struct_na_base_pair_step.step_name 
_ndb_struct_na_base_pair_step.i_auth_asym_id_1 
_ndb_struct_na_base_pair_step.i_auth_seq_id_1 
_ndb_struct_na_base_pair_step.i_PDB_ins_code_1 
_ndb_struct_na_base_pair_step.j_auth_asym_id_1 
_ndb_struct_na_base_pair_step.j_auth_seq_id_1 
_ndb_struct_na_base_pair_step.j_PDB_ins_code_1 
_ndb_struct_na_base_pair_step.i_auth_asym_id_2 
_ndb_struct_na_base_pair_step.i_auth_seq_id_2 
_ndb_struct_na_base_pair_step.i_PDB_ins_code_2 
_ndb_struct_na_base_pair_step.j_auth_asym_id_2 
_ndb_struct_na_base_pair_step.j_auth_seq_id_2 
_ndb_struct_na_base_pair_step.j_PDB_ins_code_2 
1 A C 3 1_555 A G 6 3_455 A G 4 1_555 A C 5 3_455 -0.252 -1.684 3.414 -1.187 16.727 30.994 -5.099 0.254  2.248 28.811 2.045  
35.141 1 AA_C3G4:C5G6_AA A 3 ? A 6 ? A 4 ? A 5 ? 
1 A G 4 1_555 A C 5 3_455 A C 5 1_555 A G 4 3_455 0.000  -0.969 3.207 0.000  5.625  32.601 -2.612 0.000  3.003 9.928  0.000  
33.070 2 AA_G4C5:G4C5_AA A 4 ? A 5 ? A 5 ? A 4 ? 
1 A C 5 1_555 A G 4 3_455 A G 6 1_555 A C 3 3_455 0.252  -1.684 3.414 1.187  16.727 30.994 -5.099 -0.254 2.248 28.811 -2.045 
35.141 3 AA_C5G6:C3G4_AA A 5 ? A 4 ? A 6 ? A 3 ? 
# 
_atom_sites.entry_id                    1OSU 
_atom_sites.fract_transf_matrix[1][1]   0.02548509 
_atom_sites.fract_transf_matrix[1][2]   0.01998715 
_atom_sites.fract_transf_matrix[1][3]   -0.00435963 
_atom_sites.fract_transf_matrix[2][1]   -0.01765249 
_atom_sites.fract_transf_matrix[2][2]   0.01970497 
_atom_sites.fract_transf_matrix[2][3]   -0.01285183 
_atom_sites.fract_transf_matrix[3][1]   -0.00609149 
_atom_sites.fract_transf_matrix[3][2]   0.01441192 
_atom_sites.fract_transf_matrix[3][3]   0.03046387 
_atom_sites.fract_transf_vector[1]      -0.369619 
_atom_sites.fract_transf_vector[2]      -0.080072 
_atom_sites.fract_transf_vector[3]      0.237190 
# 
loop_
_atom_type.symbol 
C 
N 
O 
P 
# 
loop_
_atom_site.group_PDB 
_atom_site.id 
_atom_site.type_symbol 
_atom_site.label_atom_id 
_atom_site.label_alt_id 
_atom_site.label_comp_id 
_atom_site.label_asym_id 
_atom_site.label_entity_id 
_atom_site.label_seq_id 
_atom_site.pdbx_PDB_ins_code 
_atom_site.Cartn_x 
_atom_site.Cartn_y 
_atom_site.Cartn_z 
_atom_site.occupancy 
_atom_site.B_iso_or_equiv 
_atom_site.pdbx_formal_charge 
_atom_site.auth_seq_id 
_atom_site.auth_comp_id 
_atom_site.auth_asym_id 
_atom_site.auth_atom_id 
_atom_site.pdbx_PDB_model_num 
ATOM   1   O "O5'" . U   A 1 1 ? -7.225 5.895   2.562  1.00 12.34 ? 1  U   A "O5'" 1 
ATOM   2   C "C5'" . U   A 1 1 ? -8.291 6.562   1.881  1.00 10.78 ? 1  U   A "C5'" 1 
ATOM   3   C "C4'" . U   A 1 1 ? -7.855 7.936   1.442  1.00 9.25  ? 1  U   A "C4'" 1 
ATOM   4   O "O4'" . U   A 1 1 ? -7.549 8.703   2.602  1.00 9.57  ? 1  U   A "O4'" 1 
ATOM   5   C "C3'" . U   A 1 1 ? -6.564 7.916   0.677  1.00 8.77  ? 1  U   A "C3'" 1 
ATOM   6   O "O3'" . U   A 1 1 ? -6.853 7.622   -0.668 1.00 9.54  ? 1  U   A "O3'" 1 
ATOM   7   C "C2'" . U   A 1 1 ? -6.150 9.360   0.782  1.00 8.80  ? 1  U   A "C2'" 1 
ATOM   8   O "O2'" . U   A 1 1 ? -7.002 10.213  0.013  1.00 9.24  ? 1  U   A "O2'" 1 
ATOM   9   C "C1'" . U   A 1 1 ? -6.451 9.581   2.302  1.00 9.26  ? 1  U   A "C1'" 1 
ATOM   10  N N1    . U   A 1 1 ? -5.278 9.308   3.180  1.00 8.54  ? 1  U   A N1    1 
ATOM   11  C C2    . U   A 1 1 ? -4.259 10.246  3.185  1.00 9.84  ? 1  U   A C2    1 
ATOM   12  O O2    . U   A 1 1 ? -4.337 11.329  2.597  1.00 11.10 ? 1  U   A O2    1 
ATOM   13  N N3    . U   A 1 1 ? -3.179 9.956   3.997  1.00 8.81  ? 1  U   A N3    1 
ATOM   14  C C4    . U   A 1 1 ? -3.054 8.842   4.792  1.00 7.98  ? 1  U   A C4    1 
ATOM   15  O O4    . U   A 1 1 ? -2.022 8.708   5.449  1.00 8.74  ? 1  U   A O4    1 
ATOM   16  C C5    . U   A 1 1 ? -4.163 7.911   4.751  1.00 6.95  ? 1  U   A C5    1 
ATOM   17  C C6    . U   A 1 1 ? -5.215 8.154   3.960  1.00 7.77  ? 1  U   A C6    1 
ATOM   18  P P     . U   A 1 2 ? -6.045 6.478   -1.461 1.00 10.07 ? 2  U   A P     1 
ATOM   19  O OP1   . U   A 1 2 ? -6.544 6.476   -2.840 1.00 12.07 ? 2  U   A OP1   1 
ATOM   20  O OP2   . U   A 1 2 ? -6.149 5.205   -0.716 1.00 10.93 ? 2  U   A OP2   1 
ATOM   21  O "O5'" . U   A 1 2 ? -4.497 6.911   -1.371 1.00 10.23 ? 2  U   A "O5'" 1 
ATOM   22  C "C5'" . U   A 1 2 ? -4.000 8.080   -2.017 1.00 7.14  ? 2  U   A "C5'" 1 
ATOM   23  C "C4'" . U   A 1 2 ? -2.673 8.443   -1.394 1.00 7.81  ? 2  U   A "C4'" 1 
ATOM   24  O "O4'" . U   A 1 2 ? -2.874 8.740   0.017  1.00 7.63  ? 2  U   A "O4'" 1 
ATOM   25  C "C3'" . U   A 1 2 ? -1.705 7.266   -1.342 1.00 7.76  ? 2  U   A "C3'" 1 
ATOM   26  O "O3'" . U   A 1 2 ? -1.056 7.160   -2.606 1.00 9.51  ? 2  U   A "O3'" 1 
ATOM   27  C "C2'" . U   A 1 2 ? -0.720 7.800   -0.308 1.00 8.18  ? 2  U   A "C2'" 1 
ATOM   28  O "O2'" . U   A 1 2 ? 0.093  8.884   -0.740 1.00 9.54  ? 2  U   A "O2'" 1 
ATOM   29  C "C1'" . U   A 1 2 ? -1.726 8.290   0.757  1.00 7.31  ? 2  U   A "C1'" 1 
ATOM   30  N N1    . U   A 1 2 ? -2.073 7.178   1.684  1.00 7.23  ? 2  U   A N1    1 
ATOM   31  C C2    . U   A 1 2 ? -1.147 6.898   2.676  1.00 7.39  ? 2  U   A C2    1 
ATOM   32  O O2    . U   A 1 2 ? -0.106 7.516   2.802  1.00 8.35  ? 2  U   A O2    1 
ATOM   33  N N3    . U   A 1 2 ? -1.462 5.841   3.520  1.00 8.30  ? 2  U   A N3    1 
ATOM   34  C C4    . U   A 1 2 ? -2.604 5.059   3.443  1.00 8.44  ? 2  U   A C4    1 
ATOM   35  O O4    . U   A 1 2 ? -2.795 4.159   4.254  1.00 9.90  ? 2  U   A O4    1 
ATOM   36  C C5    . U   A 1 2 ? -3.523 5.420   2.367  1.00 6.87  ? 2  U   A C5    1 
ATOM   37  C C6    . U   A 1 2 ? -3.227 6.450   1.551  1.00 6.69  ? 2  U   A C6    1 
ATOM   38  P P     . C   A 1 3 ? -0.574 5.717   -3.122 1.00 10.98 ? 3  C   A P     1 
ATOM   39  O OP1   . C   A 1 3 ? 0.045  5.912   -4.457 1.00 12.18 ? 3  C   A OP1   1 
ATOM   40  O OP2   . C   A 1 3 ? -1.710 4.794   -2.945 1.00 11.53 ? 3  C   A OP2   1 
ATOM   41  O "O5'" . C   A 1 3 ? 0.544  5.325   -2.045 1.00 9.64  ? 3  C   A "O5'" 1 
ATOM   42  C "C5'" . C   A 1 3 ? 1.808  5.938   -1.937 1.00 10.69 ? 3  C   A "C5'" 1 
ATOM   43  C "C4'" . C   A 1 3 ? 2.592  5.338   -0.787 1.00 11.62 ? 3  C   A "C4'" 1 
ATOM   44  O "O4'" . C   A 1 3 ? 1.878  5.482   0.450  1.00 11.39 ? 3  C   A "O4'" 1 
ATOM   45  C "C3'" . C   A 1 3 ? 2.750  3.835   -0.901 1.00 10.87 ? 3  C   A "C3'" 1 
ATOM   46  O "O3'" . C   A 1 3 ? 3.830  3.613   -1.788 1.00 11.87 ? 3  C   A "O3'" 1 
ATOM   47  C "C2'" . C   A 1 3 ? 3.208  3.520   0.503  1.00 10.39 ? 3  C   A "C2'" 1 
ATOM   48  O "O2'" . C   A 1 3 ? 4.510  4.017   0.823  1.00 12.09 ? 3  C   A "O2'" 1 
ATOM   49  C "C1'" . C   A 1 3 ? 2.192  4.349   1.287  1.00 10.60 ? 3  C   A "C1'" 1 
ATOM   50  N N1    . C   A 1 3 ? 0.977  3.564   1.564  1.00 9.06  ? 3  C   A N1    1 
ATOM   51  C C2    . C   A 1 3 ? 1.034  2.708   2.663  1.00 8.79  ? 3  C   A C2    1 
ATOM   52  O O2    . C   A 1 3 ? 2.072  2.550   3.297  1.00 9.59  ? 3  C   A O2    1 
ATOM   53  N N3    . C   A 1 3 ? -0.075 1.993   2.972  1.00 8.01  ? 3  C   A N3    1 
ATOM   54  C C4    . C   A 1 3 ? -1.190 2.087   2.245  1.00 7.96  ? 3  C   A C4    1 
ATOM   55  N N4    . C   A 1 3 ? -2.234 1.339   2.597  1.00 6.79  ? 3  C   A N4    1 
ATOM   56  C C5    . C   A 1 3 ? -1.262 2.960   1.102  1.00 7.05  ? 3  C   A C5    1 
ATOM   57  C C6    . C   A 1 3 ? -0.159 3.681   0.804  1.00 7.59  ? 3  C   A C6    1 
ATOM   58  P P     . G   A 1 4 ? 3.845  2.313   -2.688 1.00 12.81 ? 4  G   A P     1 
ATOM   59  O OP1   . G   A 1 4 ? 4.931  2.470   -3.667 1.00 12.73 ? 4  G   A OP1   1 
ATOM   60  O OP2   . G   A 1 4 ? 2.481  1.961   -3.118 1.00 12.96 ? 4  G   A OP2   1 
ATOM   61  O "O5'" . G   A 1 4 ? 4.292  1.226   -1.611 1.00 10.72 ? 4  G   A "O5'" 1 
ATOM   62  C "C5'" . G   A 1 4 ? 5.622  1.207   -1.114 1.00 9.42  ? 4  G   A "C5'" 1 
ATOM   63  C "C4'" . G   A 1 4 ? 5.754  0.111   -0.061 1.00 9.28  ? 4  G   A "C4'" 1 
ATOM   64  O "O4'" . G   A 1 4 ? 4.883  0.384   1.051  1.00 8.68  ? 4  G   A "O4'" 1 
ATOM   65  C "C3'" . G   A 1 4 ? 5.276  -1.239  -0.556 1.00 8.30  ? 4  G   A "C3'" 1 
ATOM   66  O "O3'" . G   A 1 4 ? 6.329  -1.822  -1.335 1.00 9.11  ? 4  G   A "O3'" 1 
ATOM   67  C "C2'" . G   A 1 4 ? 5.151  -1.964  0.772  1.00 8.50  ? 4  G   A "C2'" 1 
ATOM   68  O "O2'" . G   A 1 4 ? 6.391  -2.259  1.399  1.00 8.68  ? 4  G   A "O2'" 1 
ATOM   69  C "C1'" . G   A 1 4 ? 4.448  -0.858  1.617  1.00 8.06  ? 4  G   A "C1'" 1 
ATOM   70  N N9    . G   A 1 4 ? 2.991  -0.940  1.472  1.00 7.18  ? 4  G   A N9    1 
ATOM   71  C C8    . G   A 1 4 ? 2.172  -0.198  0.660  1.00 7.42  ? 4  G   A C8    1 
ATOM   72  N N7    . G   A 1 4 ? 0.928  -0.463  0.822  1.00 7.72  ? 4  G   A N7    1 
ATOM   73  C C5    . G   A 1 4 ? 0.907  -1.454  1.798  1.00 6.99  ? 4  G   A C5    1 
ATOM   74  C C6    . G   A 1 4 ? -0.182 -2.123  2.380  1.00 6.88  ? 4  G   A C6    1 
ATOM   75  O O6    . G   A 1 4 ? -1.372 -1.861  2.232  1.00 7.31  ? 4  G   A O6    1 
ATOM   76  N N1    . G   A 1 4 ? 0.210  -3.083  3.305  1.00 6.03  ? 4  G   A N1    1 
ATOM   77  C C2    . G   A 1 4 ? 1.521  -3.347  3.649  1.00 6.21  ? 4  G   A C2    1 
ATOM   78  N N2    . G   A 1 4 ? 1.763  -4.309  4.514  1.00 6.77  ? 4  G   A N2    1 
ATOM   79  N N3    . G   A 1 4 ? 2.553  -2.685  3.108  1.00 6.26  ? 4  G   A N3    1 
ATOM   80  C C4    . G   A 1 4 ? 2.180  -1.756  2.205  1.00 6.65  ? 4  G   A C4    1 
ATOM   81  P P     . C   A 1 5 ? 5.986  -2.784  -2.547 1.00 9.05  ? 5  C   A P     1 
ATOM   82  O OP1   . C   A 1 5 ? 7.201  -2.963  -3.357 1.00 8.18  ? 5  C   A OP1   1 
ATOM   83  O OP2   . C   A 1 5 ? 4.728  -2.384  -3.209 1.00 9.01  ? 5  C   A OP2   1 
ATOM   84  O "O5'" . C   A 1 5 ? 5.647  -4.189  -1.859 1.00 8.95  ? 5  C   A "O5'" 1 
ATOM   85  C "C5'" . C   A 1 5 ? 6.628  -4.930  -1.104 1.00 7.87  ? 5  C   A "C5'" 1 
ATOM   86  C "C4'" . C   A 1 5 ? 5.934  -5.956  -0.235 1.00 7.65  ? 5  C   A "C4'" 1 
ATOM   87  O "O4'" . C   A 1 5 ? 5.041  -5.280  0.667  1.00 8.57  ? 5  C   A "O4'" 1 
ATOM   88  C "C3'" . C   A 1 5 ? 4.995  -6.867  -0.956 1.00 8.98  ? 5  C   A "C3'" 1 
ATOM   89  O "O3'" . C   A 1 5 ? 5.730  -7.932  -1.507 1.00 10.69 ? 5  C   A "O3'" 1 
ATOM   90  C "C2'" . C   A 1 5 ? 4.170  -7.387  0.196  1.00 8.51  ? 5  C   A "C2'" 1 
ATOM   91  O "O2'" . C   A 1 5 ? 4.910  -8.240  1.064  1.00 9.94  ? 5  C   A "O2'" 1 
ATOM   92  C "C1'" . C   A 1 5 ? 3.890  -6.090  0.927  1.00 7.53  ? 5  C   A "C1'" 1 
ATOM   93  N N1    . C   A 1 5 ? 2.665  -5.421  0.442  1.00 7.04  ? 5  C   A N1    1 
ATOM   94  C C2    . C   A 1 5 ? 1.469  -5.814  1.008  1.00 6.92  ? 5  C   A C2    1 
ATOM   95  O O2    . C   A 1 5 ? 1.420  -6.720  1.841  1.00 8.32  ? 5  C   A O2    1 
ATOM   96  N N3    . C   A 1 5 ? 0.316  -5.216  0.610  1.00 7.77  ? 5  C   A N3    1 
ATOM   97  C C4    . C   A 1 5 ? 0.331  -4.251  -0.335 1.00 7.98  ? 5  C   A C4    1 
ATOM   98  N N4    . C   A 1 5 ? -0.830 -3.658  -0.667 1.00 7.43  ? 5  C   A N4    1 
ATOM   99  C C5    . C   A 1 5 ? 1.553  -3.833  -0.941 1.00 7.23  ? 5  C   A C5    1 
ATOM   100 C C6    . C   A 1 5 ? 2.684  -4.446  -0.527 1.00 7.26  ? 5  C   A C6    1 
ATOM   101 P P     . G   A 1 6 ? 5.213  -8.623  -2.852 1.00 13.20 ? 6  G   A P     1 
ATOM   102 O OP1   . G   A 1 6 ? 6.241  -9.602  -3.161 1.00 14.49 ? 6  G   A OP1   1 
ATOM   103 O OP2   . G   A 1 6 ? 4.829  -7.578  -3.817 1.00 14.10 ? 6  G   A OP2   1 
ATOM   104 O "O5'" . G   A 1 6 ? 3.916  -9.406  -2.365 1.00 12.61 ? 6  G   A "O5'" 1 
ATOM   105 C "C5'" . G   A 1 6 ? 4.035  -10.531 -1.498 1.00 11.93 ? 6  G   A "C5'" 1 
ATOM   106 C "C4'" . G   A 1 6 ? 2.635  -11.087 -1.143 1.00 13.17 ? 6  G   A "C4'" 1 
ATOM   107 O "O4'" . G   A 1 6 ? 1.937  -10.100 -0.396 1.00 12.98 ? 6  G   A "O4'" 1 
ATOM   108 C "C3'" . G   A 1 6 ? 1.705  -11.374 -2.324 1.00 14.14 ? 6  G   A "C3'" 1 
ATOM   109 O "O3'" . G   A 1 6 ? 2.001  -12.626 -2.971 1.00 16.28 ? 6  G   A "O3'" 1 
ATOM   110 C "C2'" . G   A 1 6 ? 0.372  -11.419 -1.623 1.00 13.66 ? 6  G   A "C2'" 1 
ATOM   111 O "O2'" . G   A 1 6 ? 0.200  -12.603 -0.858 1.00 15.04 ? 6  G   A "O2'" 1 
ATOM   112 C "C1'" . G   A 1 6 ? 0.518  -10.244 -0.641 1.00 13.04 ? 6  G   A "C1'" 1 
ATOM   113 N N9    . G   A 1 6 ? -0.054 -8.988  -1.193 1.00 10.38 ? 6  G   A N9    1 
ATOM   114 C C8    . G   A 1 6 ? 0.573  -7.974  -1.880 1.00 9.18  ? 6  G   A C8    1 
ATOM   115 N N7    . G   A 1 6 ? -0.240 -7.010  -2.225 1.00 8.38  ? 6  G   A N7    1 
ATOM   116 C C5    . G   A 1 6 ? -1.477 -7.414  -1.740 1.00 8.16  ? 6  G   A C5    1 
ATOM   117 C C6    . G   A 1 6 ? -2.738 -6.784  -1.871 1.00 8.27  ? 6  G   A C6    1 
ATOM   118 O O6    . G   A 1 6 ? -2.975 -5.704  -2.427 1.00 9.23  ? 6  G   A O6    1 
ATOM   119 N N1    . G   A 1 6 ? -3.750 -7.561  -1.301 1.00 7.32  ? 6  G   A N1    1 
ATOM   120 C C2    . G   A 1 6 ? -3.554 -8.779  -0.686 1.00 8.74  ? 6  G   A C2    1 
ATOM   121 N N2    . G   A 1 6 ? -4.622 -9.424  -0.207 1.00 8.48  ? 6  G   A N2    1 
ATOM   122 N N3    . G   A 1 6 ? -2.369 -9.358  -0.575 1.00 7.62  ? 6  G   A N3    1 
ATOM   123 C C4    . G   A 1 6 ? -1.376 -8.627  -1.115 1.00 9.33  ? 6  G   A C4    1 
HETATM 124 O O     . HOH B 2 . ? 0.521  -4.996  -4.200 1.03 18.10 ? 7  HOH A O     1 
HETATM 125 O O     . HOH B 2 . ? 3.369  -4.834  -4.282 0.92 19.59 ? 8  HOH A O     1 
HETATM 126 O O     . HOH B 2 . ? 2.315  -0.969  -3.200 1.09 17.46 ? 9  HOH A O     1 
HETATM 127 O O     . HOH B 2 . ? -0.842 0.310   -0.967 1.19 27.43 ? 10 HOH A O     1 
HETATM 128 O O     . HOH B 2 . ? -0.206 2.442   -2.597 1.00 25.21 ? 11 HOH A O     1 
HETATM 129 O O     . HOH B 2 . ? -3.653 3.688   -1.248 0.93 17.74 ? 12 HOH A O     1 
HETATM 130 O O     . HOH B 2 . ? -4.360 5.215   -4.558 0.56 34.27 ? 13 HOH A O     1 
HETATM 131 O O     . HOH B 2 . ? 5.145  -3.548  3.700  0.86 15.54 ? 14 HOH A O     1 
HETATM 132 O O     . HOH B 2 . ? -0.199 -2.220  -3.399 1.01 35.79 ? 15 HOH A O     1 
HETATM 133 O O     . HOH B 2 . ? -4.453 1.478   0.951  0.49 22.66 ? 16 HOH A O     1 
HETATM 134 O O     . HOH B 2 . ? 2.547  7.259   4.194  0.85 21.62 ? 17 HOH A O     1 
HETATM 135 O O     . HOH B 2 . ? 0.904  9.921   -3.276 0.65 16.38 ? 18 HOH A O     1 
HETATM 136 O O     . HOH B 2 . ? 1.392  10.701  1.008  0.95 24.01 ? 19 HOH A O     1 
HETATM 137 O O     . HOH B 2 . ? 8.975  -9.496  -3.671 0.56 17.70 ? 20 HOH A O     1 
HETATM 138 O O     . HOH B 2 . ? -4.661 14.131  2.626  1.07 31.62 ? 21 HOH A O     1 
HETATM 139 O O     . HOH B 2 . ? -6.413 3.401   1.212  0.34 18.02 ? 22 HOH A O     1 
HETATM 140 O O     . HOH B 2 . ? -7.297 5.041   5.362  0.90 31.12 ? 23 HOH A O     1 
HETATM 141 O O     . HOH B 2 . ? -4.611 -3.346  -5.123 0.86 28.60 ? 24 HOH A O     1 
HETATM 142 O O     . HOH B 2 . ? -2.888 -2.291  -3.093 0.67 38.75 ? 25 HOH A O     1 
HETATM 143 O O     . HOH B 2 . ? 2.611  -8.420  -5.183 0.99 35.84 ? 26 HOH A O     1 
HETATM 144 O O     . HOH B 2 . ? 2.525  -11.198 -6.086 0.86 35.66 ? 27 HOH A O     1 
HETATM 145 O O     . HOH B 2 . ? -0.546 11.047  3.186  0.59 19.33 ? 28 HOH A O     1 
HETATM 146 O O     . HOH B 2 . ? 4.984  2.468   3.404  0.87 24.60 ? 29 HOH A O     1 
HETATM 147 O O     . HOH B 2 . ? -2.399 -13.558 -0.538 0.88 31.01 ? 30 HOH A O     1 
HETATM 148 O O     . HOH B 2 . ? 0.025  -15.237 -2.235 0.61 28.15 ? 31 HOH A O     1 
HETATM 149 O O     . HOH B 2 . ? -2.174 -11.279 1.282  0.80 28.13 ? 32 HOH A O     1 
HETATM 150 O O     . HOH B 2 . ? 2.887  -9.561  2.505  0.57 22.41 ? 33 HOH A O     1 
HETATM 151 O O     . HOH B 2 . ? 3.872  -5.017  6.399  0.70 30.71 ? 34 HOH A O     1 
HETATM 152 O O     . HOH B 2 . ? -5.374 -11.782 1.047  0.63 37.82 ? 35 HOH A O     1 
HETATM 153 O O     . HOH B 2 . ? 2.437  7.716   -4.878 0.64 26.77 ? 36 HOH A O     1 
HETATM 154 O O     . HOH B 2 . ? -3.212 0.046   -1.944 0.64 49.73 ? 37 HOH A O     1 
HETATM 155 O O     . HOH B 2 . ? 6.656  -2.788  5.730  0.43 24.05 ? 38 HOH A O     1 
HETATM 156 O O     . HOH B 2 . ? -8.632 9.400   -2.081 0.98 29.70 ? 39 HOH A O     1 
HETATM 157 O O     . HOH B 2 . ? -5.486 8.374   -5.344 0.54 23.13 ? 40 HOH A O     1 
HETATM 158 O O     . HOH B 2 . ? -3.334 -2.064  0.732  0.39 25.35 ? 41 HOH A O     1 
HETATM 159 O O     . HOH B 2 . ? 1.968  -7.984  4.596  0.48 22.27 ? 42 HOH A O     1 
HETATM 160 O O     . HOH B 2 . ? -4.741 -0.499  -0.283 0.34 37.61 ? 43 HOH A O     1 
HETATM 161 O O     . HOH B 2 . ? -6.169 1.103   -1.331 0.47 26.36 ? 44 HOH A O     1 
# 
